data_7X3A
#
_entry.id   7X3A
#
loop_
_entity.id
_entity.type
_entity.pdbx_description
1 polymer 'G-quadruplex DNA MYT1L'
2 non-polymer 4-(2-azanylethoxy)-N2,N6-bis[4-(2-azanylethoxy)quinolin-2-yl]pyridine-2,6-dicarboxamide
#
_entity_poly.entity_id   1
_entity_poly.type   'polydeoxyribonucleotide'
_entity_poly.pdbx_seq_one_letter_code
;(DA)(DG)(DG)(DG)(DA)(DG)(DA)(DG)(DG)(DA)(DG)(DA)(DG)(DC)(DT)(DC)(DT)(DG)(DG)(DG)
(DT)(DT)(DG)(DG)(DG)(DT)(DG)(DG)(DG)
;
_entity_poly.pdbx_strand_id   A
#